data_6E8A
#
_entry.id   6E8A
#
_cell.length_a   41.715
_cell.length_b   41.715
_cell.length_c   533.438
_cell.angle_alpha   90.000
_cell.angle_beta   90.000
_cell.angle_gamma   120.000
#
_symmetry.space_group_name_H-M   'P 65 2 2'
#
loop_
_entity.id
_entity.type
_entity.pdbx_description
1 polymer 'DUF1795 domain-containing protein'
2 water water
#
_entity_poly.entity_id   1
_entity_poly.type   'polypeptide(L)'
_entity_poly.pdbx_seq_one_letter_code
;MHHHHHHAASGQPISLMDGKLSFSLPADMTDQSGKLGTQANNMHVYSDPTGQKAVIVIVGDNTDEALPVLANRLLEQQRS
RDPQLQVVTNKSIELKGHTLQQLDSIISAKGQTAYSSIVLGKVDNQLLTIQVTLPADNQQKAQTTAENIINTLVIK
;
_entity_poly.pdbx_strand_id   A,B
#
# COMPACT_ATOMS: atom_id res chain seq x y z
N ALA A 9 -21.61 -6.40 18.23
CA ALA A 9 -22.16 -5.16 17.62
C ALA A 9 -22.75 -5.48 16.24
N SER A 10 -24.01 -5.10 16.04
CA SER A 10 -24.58 -5.20 14.72
C SER A 10 -24.39 -3.86 14.00
N GLY A 11 -24.45 -3.89 12.66
CA GLY A 11 -24.39 -2.67 11.87
C GLY A 11 -25.75 -1.99 11.81
N GLN A 12 -25.91 -1.05 10.87
CA GLN A 12 -27.20 -0.43 10.62
C GLN A 12 -28.12 -1.47 9.97
N PRO A 13 -29.43 -1.45 10.24
CA PRO A 13 -30.35 -2.34 9.57
C PRO A 13 -30.23 -2.19 8.04
N ILE A 14 -30.38 -3.32 7.35
CA ILE A 14 -30.36 -3.39 5.89
C ILE A 14 -31.79 -3.63 5.40
N SER A 15 -32.21 -2.84 4.42
CA SER A 15 -33.52 -2.98 3.75
C SER A 15 -33.35 -3.36 2.28
N LEU A 16 -33.99 -4.46 1.88
CA LEU A 16 -33.95 -4.98 0.52
C LEU A 16 -35.37 -5.23 0.02
N MET A 17 -35.49 -5.73 -1.22
CA MET A 17 -36.79 -6.00 -1.84
C MET A 17 -37.71 -4.79 -1.66
N ASP A 18 -37.20 -3.60 -2.01
CA ASP A 18 -37.89 -2.30 -1.87
C ASP A 18 -38.52 -2.14 -0.48
N GLY A 19 -37.78 -2.51 0.56
CA GLY A 19 -38.18 -2.29 1.94
C GLY A 19 -39.00 -3.42 2.53
N LYS A 20 -39.33 -4.45 1.72
CA LYS A 20 -40.17 -5.56 2.16
C LYS A 20 -39.39 -6.48 3.11
N LEU A 21 -38.07 -6.57 2.90
CA LEU A 21 -37.17 -7.44 3.66
C LEU A 21 -36.15 -6.57 4.40
N SER A 22 -35.99 -6.82 5.70
CA SER A 22 -34.99 -6.16 6.50
C SER A 22 -34.30 -7.15 7.44
N PHE A 23 -33.05 -6.88 7.79
CA PHE A 23 -32.25 -7.65 8.72
C PHE A 23 -31.04 -6.81 9.16
N SER A 24 -30.22 -7.35 10.06
CA SER A 24 -29.00 -6.74 10.58
C SER A 24 -27.88 -7.76 10.59
N LEU A 25 -26.66 -7.30 10.32
CA LEU A 25 -25.47 -8.15 10.27
C LEU A 25 -24.42 -7.67 11.28
N PRO A 26 -23.46 -8.52 11.68
CA PRO A 26 -22.27 -8.05 12.37
C PRO A 26 -21.74 -6.79 11.68
N ALA A 27 -21.30 -5.82 12.49
CA ALA A 27 -20.95 -4.47 12.04
C ALA A 27 -19.79 -4.49 11.01
N ASP A 28 -18.93 -5.50 11.04
CA ASP A 28 -17.78 -5.62 10.12
C ASP A 28 -18.23 -6.01 8.70
N MET A 29 -19.50 -6.38 8.51
CA MET A 29 -19.98 -6.82 7.19
C MET A 29 -20.66 -5.66 6.46
N THR A 30 -20.20 -5.37 5.23
CA THR A 30 -20.68 -4.21 4.49
C THR A 30 -21.01 -4.60 3.06
N ASP A 31 -21.86 -3.80 2.44
CA ASP A 31 -22.23 -3.93 1.04
C ASP A 31 -20.99 -3.92 0.16
N GLN A 32 -20.85 -4.94 -0.72
CA GLN A 32 -19.68 -5.07 -1.55
C GLN A 32 -19.84 -4.29 -2.87
N SER A 33 -21.04 -3.81 -3.19
CA SER A 33 -21.25 -2.94 -4.34
C SER A 33 -21.21 -1.49 -3.86
N GLY A 34 -20.87 -0.58 -4.76
CA GLY A 34 -20.87 0.85 -4.46
C GLY A 34 -19.71 1.32 -3.59
N LYS A 35 -18.66 0.49 -3.44
CA LYS A 35 -17.49 0.87 -2.62
C LYS A 35 -16.78 2.10 -3.19
N LEU A 36 -16.95 2.38 -4.48
CA LEU A 36 -16.37 3.58 -5.09
C LEU A 36 -17.43 4.67 -5.32
N GLY A 37 -18.64 4.51 -4.76
CA GLY A 37 -19.73 5.51 -4.90
C GLY A 37 -20.44 5.46 -6.25
N THR A 38 -19.84 4.80 -7.25
CA THR A 38 -20.44 4.52 -8.56
C THR A 38 -21.63 3.57 -8.38
N GLN A 39 -22.67 3.75 -9.20
CA GLN A 39 -23.84 2.87 -9.17
C GLN A 39 -23.54 1.61 -9.99
N ALA A 40 -23.66 0.45 -9.32
CA ALA A 40 -23.46 -0.87 -9.92
C ALA A 40 -24.69 -1.27 -10.75
N ASN A 41 -24.44 -1.63 -12.01
CA ASN A 41 -25.48 -2.05 -12.96
C ASN A 41 -25.55 -3.58 -12.97
N ASN A 42 -24.41 -4.24 -12.83
CA ASN A 42 -24.30 -5.69 -12.92
C ASN A 42 -23.34 -6.18 -11.83
N MET A 43 -23.69 -7.30 -11.19
CA MET A 43 -22.78 -7.96 -10.27
C MET A 43 -22.85 -9.48 -10.48
N HIS A 44 -21.68 -10.11 -10.47
CA HIS A 44 -21.54 -11.56 -10.58
C HIS A 44 -20.63 -12.06 -9.47
N VAL A 45 -21.00 -13.20 -8.88
CA VAL A 45 -20.26 -13.77 -7.78
C VAL A 45 -19.97 -15.23 -8.10
N TYR A 46 -18.69 -15.58 -8.01
CA TYR A 46 -18.21 -16.94 -8.14
C TYR A 46 -17.53 -17.33 -6.85
N SER A 47 -17.79 -18.53 -6.34
CA SER A 47 -17.13 -18.92 -5.12
C SER A 47 -17.02 -20.43 -5.05
N ASP A 48 -16.08 -20.89 -4.23
CA ASP A 48 -16.02 -22.31 -3.86
C ASP A 48 -17.20 -22.63 -2.92
N PRO A 49 -17.42 -23.91 -2.55
CA PRO A 49 -18.57 -24.29 -1.72
C PRO A 49 -18.63 -23.62 -0.34
N THR A 50 -17.48 -23.22 0.20
CA THR A 50 -17.39 -22.64 1.52
C THR A 50 -17.57 -21.12 1.48
N GLY A 51 -17.53 -20.52 0.28
CA GLY A 51 -17.54 -19.08 0.06
C GLY A 51 -16.24 -18.40 0.46
N GLN A 52 -15.22 -19.17 0.88
CA GLN A 52 -14.00 -18.54 1.36
C GLN A 52 -13.09 -18.10 0.19
N LYS A 53 -13.26 -18.74 -0.97
CA LYS A 53 -12.57 -18.33 -2.22
C LYS A 53 -13.65 -17.71 -3.12
N ALA A 54 -13.49 -16.46 -3.52
CA ALA A 54 -14.55 -15.74 -4.19
C ALA A 54 -13.96 -14.75 -5.20
N VAL A 55 -14.70 -14.57 -6.29
CA VAL A 55 -14.46 -13.53 -7.29
C VAL A 55 -15.78 -12.79 -7.45
N ILE A 56 -15.75 -11.47 -7.22
CA ILE A 56 -16.92 -10.64 -7.43
C ILE A 56 -16.60 -9.70 -8.59
N VAL A 57 -17.46 -9.71 -9.60
CA VAL A 57 -17.30 -8.84 -10.76
C VAL A 57 -18.44 -7.82 -10.73
N ILE A 58 -18.09 -6.53 -10.70
CA ILE A 58 -19.07 -5.45 -10.74
C ILE A 58 -18.81 -4.57 -11.96
N VAL A 59 -19.89 -4.27 -12.69
CA VAL A 59 -19.89 -3.36 -13.80
C VAL A 59 -20.83 -2.20 -13.43
N GLY A 60 -20.29 -0.97 -13.41
CA GLY A 60 -21.06 0.23 -13.07
C GLY A 60 -20.81 1.36 -14.05
N ASP A 61 -21.43 2.52 -13.78
CA ASP A 61 -21.27 3.72 -14.59
C ASP A 61 -19.80 4.17 -14.54
N ASN A 62 -19.34 4.82 -15.61
CA ASN A 62 -17.98 5.33 -15.68
C ASN A 62 -17.84 6.45 -14.65
N THR A 63 -16.59 6.78 -14.31
CA THR A 63 -16.25 7.96 -13.55
C THR A 63 -15.07 8.67 -14.20
N ASP A 64 -14.97 9.98 -13.94
CA ASP A 64 -13.88 10.82 -14.43
C ASP A 64 -12.60 10.56 -13.62
N GLU A 65 -12.77 10.06 -12.39
CA GLU A 65 -11.65 9.75 -11.49
C GLU A 65 -10.70 8.74 -12.16
N ALA A 66 -9.39 9.04 -12.14
CA ALA A 66 -8.39 8.19 -12.80
C ALA A 66 -8.26 6.86 -12.07
N LEU A 67 -7.90 5.80 -12.78
CA LEU A 67 -7.90 4.46 -12.21
C LEU A 67 -6.88 4.34 -11.09
N PRO A 68 -5.66 4.92 -11.18
CA PRO A 68 -4.72 4.86 -10.07
C PRO A 68 -5.28 5.54 -8.80
N VAL A 69 -6.12 6.58 -9.00
CA VAL A 69 -6.73 7.33 -7.91
C VAL A 69 -7.80 6.46 -7.23
N LEU A 70 -8.65 5.79 -8.03
CA LEU A 70 -9.64 4.83 -7.50
C LEU A 70 -8.92 3.73 -6.72
N ALA A 71 -7.84 3.19 -7.28
CA ALA A 71 -7.07 2.14 -6.61
C ALA A 71 -6.56 2.62 -5.26
N ASN A 72 -6.03 3.84 -5.25
CA ASN A 72 -5.51 4.45 -4.00
C ASN A 72 -6.65 4.59 -2.97
N ARG A 73 -7.85 4.97 -3.41
CA ARG A 73 -9.03 5.05 -2.52
C ARG A 73 -9.37 3.66 -1.95
N LEU A 74 -9.31 2.59 -2.76
CA LEU A 74 -9.65 1.26 -2.26
C LEU A 74 -8.61 0.83 -1.23
N LEU A 75 -7.35 1.16 -1.51
CA LEU A 75 -6.23 0.86 -0.64
C LEU A 75 -6.45 1.54 0.72
N GLU A 76 -6.82 2.82 0.70
CA GLU A 76 -7.09 3.58 1.90
C GLU A 76 -8.30 3.02 2.66
N GLN A 77 -9.37 2.61 1.97
CA GLN A 77 -10.52 1.95 2.62
C GLN A 77 -10.02 0.69 3.36
N GLN A 78 -9.20 -0.12 2.69
CA GLN A 78 -8.66 -1.35 3.27
C GLN A 78 -7.80 -1.03 4.50
N ARG A 79 -6.97 0.03 4.42
CA ARG A 79 -6.06 0.36 5.50
C ARG A 79 -6.82 0.91 6.71
N SER A 80 -7.99 1.54 6.51
CA SER A 80 -8.80 2.08 7.61
C SER A 80 -9.36 0.92 8.46
N ARG A 81 -9.61 -0.23 7.83
CA ARG A 81 -10.14 -1.42 8.53
C ARG A 81 -8.97 -2.26 9.10
N ASP A 82 -7.81 -2.20 8.44
CA ASP A 82 -6.64 -3.05 8.78
C ASP A 82 -5.37 -2.19 8.82
N PRO A 83 -4.95 -1.70 10.00
CA PRO A 83 -3.75 -0.87 10.14
C PRO A 83 -2.41 -1.56 9.83
N GLN A 84 -2.46 -2.87 9.58
CA GLN A 84 -1.30 -3.64 9.20
C GLN A 84 -1.44 -4.17 7.76
N LEU A 85 -2.32 -3.56 6.96
CA LEU A 85 -2.52 -3.98 5.58
C LEU A 85 -1.19 -4.11 4.86
N GLN A 86 -1.00 -5.23 4.16
CA GLN A 86 0.13 -5.41 3.27
C GLN A 86 -0.32 -5.10 1.84
N VAL A 87 0.39 -4.19 1.19
CA VAL A 87 0.23 -3.93 -0.21
C VAL A 87 1.32 -4.73 -0.94
N VAL A 88 0.89 -5.70 -1.76
CA VAL A 88 1.75 -6.58 -2.50
C VAL A 88 2.03 -5.97 -3.87
N THR A 89 0.99 -5.43 -4.52
CA THR A 89 1.04 -4.95 -5.89
C THR A 89 0.13 -3.74 -6.00
N ASN A 90 0.58 -2.64 -6.64
CA ASN A 90 -0.32 -1.54 -6.96
C ASN A 90 0.15 -0.91 -8.25
N LYS A 91 -0.34 -1.39 -9.40
CA LYS A 91 0.35 -1.09 -10.64
C LYS A 91 -0.62 -1.11 -11.81
N SER A 92 -0.20 -0.49 -12.90
CA SER A 92 -0.89 -0.51 -14.15
C SER A 92 -0.56 -1.83 -14.84
N ILE A 93 -1.53 -2.39 -15.58
CA ILE A 93 -1.26 -3.52 -16.44
C ILE A 93 -1.92 -3.25 -17.81
N GLU A 94 -1.35 -3.83 -18.88
CA GLU A 94 -1.79 -3.55 -20.23
C GLU A 94 -2.48 -4.78 -20.80
N LEU A 95 -3.74 -4.61 -21.20
CA LEU A 95 -4.49 -5.63 -21.90
C LEU A 95 -4.96 -5.01 -23.22
N LYS A 96 -4.19 -5.23 -24.27
CA LYS A 96 -4.62 -4.98 -25.63
C LYS A 96 -5.26 -3.58 -25.73
N GLY A 97 -4.46 -2.56 -25.45
CA GLY A 97 -4.85 -1.15 -25.66
C GLY A 97 -5.47 -0.51 -24.42
N HIS A 98 -5.97 -1.35 -23.50
CA HIS A 98 -6.61 -0.92 -22.24
C HIS A 98 -5.59 -0.90 -21.10
N THR A 99 -5.52 0.22 -20.37
CA THR A 99 -4.78 0.25 -19.12
C THR A 99 -5.79 -0.17 -18.04
N LEU A 100 -5.38 -1.16 -17.26
CA LEU A 100 -6.09 -1.57 -16.08
C LEU A 100 -5.17 -1.28 -14.90
N GLN A 101 -5.77 -1.21 -13.70
CA GLN A 101 -5.03 -1.05 -12.49
C GLN A 101 -5.25 -2.29 -11.63
N GLN A 102 -4.16 -2.79 -11.04
CA GLN A 102 -4.21 -3.98 -10.22
C GLN A 102 -3.68 -3.62 -8.83
N LEU A 103 -4.50 -3.95 -7.83
CA LEU A 103 -4.17 -3.74 -6.45
C LEU A 103 -4.26 -5.09 -5.74
N ASP A 104 -3.12 -5.60 -5.28
CA ASP A 104 -3.10 -6.83 -4.51
C ASP A 104 -2.68 -6.48 -3.09
N SER A 105 -3.33 -7.09 -2.12
CA SER A 105 -3.11 -6.78 -0.74
C SER A 105 -3.39 -8.01 0.12
N ILE A 106 -2.76 -8.05 1.30
CA ILE A 106 -3.08 -9.03 2.32
C ILE A 106 -3.82 -8.31 3.44
N ILE A 107 -5.09 -8.70 3.61
CA ILE A 107 -6.04 -8.05 4.46
C ILE A 107 -6.32 -8.99 5.64
N SER A 108 -6.25 -8.44 6.85
CA SER A 108 -6.50 -9.17 8.07
C SER A 108 -7.65 -8.50 8.81
N ALA A 109 -8.57 -9.33 9.32
CA ALA A 109 -9.61 -8.88 10.22
C ALA A 109 -10.01 -10.04 11.14
N LYS A 110 -9.87 -9.83 12.46
CA LYS A 110 -10.40 -10.72 13.50
C LYS A 110 -9.89 -12.16 13.32
N GLY A 111 -8.60 -12.33 13.00
CA GLY A 111 -8.04 -13.67 12.85
C GLY A 111 -8.41 -14.36 11.53
N GLN A 112 -9.08 -13.66 10.60
CA GLN A 112 -9.19 -14.07 9.21
C GLN A 112 -8.14 -13.31 8.40
N THR A 113 -7.50 -13.99 7.44
CA THR A 113 -6.54 -13.33 6.54
C THR A 113 -6.89 -13.75 5.11
N ALA A 114 -6.92 -12.77 4.23
CA ALA A 114 -7.20 -13.00 2.85
C ALA A 114 -6.15 -12.35 1.97
N TYR A 115 -5.90 -13.01 0.84
CA TYR A 115 -5.20 -12.35 -0.26
C TYR A 115 -6.27 -11.77 -1.17
N SER A 116 -6.19 -10.47 -1.43
CA SER A 116 -7.15 -9.74 -2.24
C SER A 116 -6.42 -9.24 -3.48
N SER A 117 -6.99 -9.53 -4.65
CA SER A 117 -6.49 -9.01 -5.94
C SER A 117 -7.65 -8.30 -6.63
N ILE A 118 -7.48 -6.98 -6.81
CA ILE A 118 -8.51 -6.17 -7.42
C ILE A 118 -7.98 -5.62 -8.75
N VAL A 119 -8.78 -5.79 -9.81
CA VAL A 119 -8.45 -5.18 -11.08
C VAL A 119 -9.56 -4.18 -11.40
N LEU A 120 -9.14 -2.97 -11.78
CA LEU A 120 -10.05 -1.91 -12.21
C LEU A 120 -9.78 -1.58 -13.66
N GLY A 121 -10.85 -1.29 -14.39
CA GLY A 121 -10.74 -0.92 -15.76
C GLY A 121 -11.88 -0.01 -16.16
N LYS A 122 -11.65 0.74 -17.22
CA LYS A 122 -12.66 1.48 -17.89
C LYS A 122 -12.87 0.82 -19.26
N VAL A 123 -13.99 0.14 -19.42
CA VAL A 123 -14.29 -0.69 -20.59
C VAL A 123 -15.69 -0.34 -21.09
N ASP A 124 -15.77 0.05 -22.37
CA ASP A 124 -17.03 0.37 -23.03
C ASP A 124 -17.81 1.39 -22.20
N ASN A 125 -17.11 2.45 -21.78
CA ASN A 125 -17.64 3.52 -20.99
C ASN A 125 -18.33 2.99 -19.72
N GLN A 126 -17.66 2.06 -19.03
CA GLN A 126 -18.15 1.52 -17.75
C GLN A 126 -16.94 1.27 -16.84
N LEU A 127 -17.15 1.42 -15.53
CA LEU A 127 -16.16 1.04 -14.53
C LEU A 127 -16.30 -0.46 -14.24
N LEU A 128 -15.23 -1.21 -14.55
CA LEU A 128 -15.17 -2.63 -14.28
C LEU A 128 -14.31 -2.84 -13.04
N THR A 129 -14.85 -3.58 -12.07
CA THR A 129 -14.15 -3.97 -10.88
C THR A 129 -14.21 -5.51 -10.76
N ILE A 130 -13.06 -6.15 -10.59
CA ILE A 130 -12.97 -7.59 -10.31
C ILE A 130 -12.19 -7.74 -9.01
N GLN A 131 -12.86 -8.37 -8.04
CA GLN A 131 -12.25 -8.55 -6.74
C GLN A 131 -12.13 -10.04 -6.46
N VAL A 132 -10.88 -10.52 -6.35
CA VAL A 132 -10.56 -11.87 -5.95
C VAL A 132 -10.18 -11.88 -4.46
N THR A 133 -10.79 -12.76 -3.67
CA THR A 133 -10.40 -12.92 -2.28
C THR A 133 -10.23 -14.40 -1.97
N LEU A 134 -9.09 -14.72 -1.35
CA LEU A 134 -8.69 -16.10 -1.14
C LEU A 134 -8.11 -16.21 0.26
N PRO A 135 -8.31 -17.33 0.97
CA PRO A 135 -7.65 -17.53 2.26
C PRO A 135 -6.13 -17.48 2.08
N ALA A 136 -5.45 -16.78 2.98
CA ALA A 136 -4.03 -16.47 2.82
C ALA A 136 -3.22 -17.17 3.90
N ASP A 137 -3.75 -18.27 4.45
CA ASP A 137 -3.05 -19.12 5.41
C ASP A 137 -1.71 -19.54 4.82
N ASN A 138 -1.72 -19.92 3.53
CA ASN A 138 -0.50 -20.06 2.74
C ASN A 138 -0.43 -18.89 1.77
N GLN A 139 0.36 -17.87 2.16
CA GLN A 139 0.34 -16.59 1.49
C GLN A 139 0.82 -16.73 0.04
N GLN A 140 1.88 -17.51 -0.16
CA GLN A 140 2.47 -17.76 -1.50
C GLN A 140 1.47 -18.49 -2.41
N LYS A 141 0.76 -19.48 -1.88
CA LYS A 141 -0.22 -20.25 -2.69
C LYS A 141 -1.39 -19.34 -3.10
N ALA A 142 -1.85 -18.50 -2.15
CA ALA A 142 -2.97 -17.60 -2.43
C ALA A 142 -2.55 -16.59 -3.52
N GLN A 143 -1.34 -16.04 -3.39
CA GLN A 143 -0.82 -15.08 -4.35
C GLN A 143 -0.77 -15.71 -5.75
N THR A 144 -0.24 -16.93 -5.82
CA THR A 144 -0.10 -17.62 -7.11
C THR A 144 -1.48 -17.80 -7.75
N THR A 145 -2.45 -18.26 -6.94
CA THR A 145 -3.80 -18.55 -7.46
C THR A 145 -4.41 -17.24 -8.02
N ALA A 146 -4.29 -16.15 -7.28
CA ALA A 146 -4.85 -14.84 -7.72
C ALA A 146 -4.19 -14.39 -9.03
N GLU A 147 -2.85 -14.44 -9.08
CA GLU A 147 -2.12 -14.05 -10.30
C GLU A 147 -2.54 -14.91 -11.50
N ASN A 148 -2.75 -16.21 -11.26
CA ASN A 148 -3.14 -17.15 -12.33
C ASN A 148 -4.52 -16.74 -12.85
N ILE A 149 -5.43 -16.33 -11.95
CA ILE A 149 -6.76 -15.90 -12.39
C ILE A 149 -6.60 -14.65 -13.27
N ILE A 150 -5.81 -13.68 -12.79
CA ILE A 150 -5.65 -12.41 -13.50
C ILE A 150 -5.03 -12.65 -14.88
N ASN A 151 -4.07 -13.60 -14.99
CA ASN A 151 -3.43 -13.93 -16.26
C ASN A 151 -4.45 -14.34 -17.33
N THR A 152 -5.63 -14.85 -16.95
CA THR A 152 -6.60 -15.40 -17.89
C THR A 152 -7.47 -14.32 -18.51
N LEU A 153 -7.42 -13.10 -17.96
CA LEU A 153 -8.30 -12.02 -18.38
C LEU A 153 -8.14 -11.67 -19.85
N VAL A 154 -9.26 -11.57 -20.55
CA VAL A 154 -9.22 -11.06 -21.92
C VAL A 154 -10.38 -10.10 -22.12
N ILE A 155 -10.05 -8.96 -22.74
CA ILE A 155 -11.01 -7.99 -23.21
C ILE A 155 -11.07 -8.10 -24.73
N LYS A 156 -12.27 -8.35 -25.26
CA LYS A 156 -12.56 -8.36 -26.68
C LYS A 156 -13.13 -7.00 -27.09
N GLY B 11 8.98 28.78 7.23
CA GLY B 11 10.25 28.06 7.56
C GLY B 11 10.59 28.14 9.04
N GLN B 12 10.13 27.14 9.78
CA GLN B 12 10.18 27.13 11.23
C GLN B 12 11.62 26.89 11.68
N PRO B 13 12.04 27.43 12.85
CA PRO B 13 13.46 27.46 13.23
C PRO B 13 13.98 26.16 13.86
N ILE B 14 15.27 25.87 13.64
CA ILE B 14 15.94 24.71 14.20
C ILE B 14 17.01 25.20 15.18
N SER B 15 17.05 24.59 16.37
CA SER B 15 18.08 24.83 17.38
C SER B 15 18.86 23.55 17.66
N LEU B 16 20.19 23.62 17.56
CA LEU B 16 21.09 22.49 17.80
C LEU B 16 22.19 22.92 18.78
N MET B 17 23.03 21.96 19.16
CA MET B 17 24.22 22.18 19.95
C MET B 17 23.86 23.00 21.21
N ASP B 18 22.83 22.55 21.94
CA ASP B 18 22.29 23.21 23.15
C ASP B 18 22.05 24.71 22.92
N GLY B 19 21.49 25.05 21.75
CA GLY B 19 21.11 26.42 21.45
C GLY B 19 22.24 27.27 20.87
N LYS B 20 23.44 26.68 20.72
CA LYS B 20 24.60 27.40 20.18
C LYS B 20 24.43 27.64 18.66
N LEU B 21 23.74 26.70 18.00
CA LEU B 21 23.54 26.73 16.56
C LEU B 21 22.04 26.82 16.26
N SER B 22 21.67 27.81 15.44
CA SER B 22 20.28 27.93 14.99
C SER B 22 20.26 28.33 13.51
N PHE B 23 19.19 27.91 12.81
CA PHE B 23 18.95 28.27 11.43
C PHE B 23 17.49 27.96 11.07
N SER B 24 17.09 28.30 9.85
CA SER B 24 15.75 28.03 9.32
C SER B 24 15.86 27.44 7.92
N LEU B 25 14.98 26.49 7.60
CA LEU B 25 14.92 25.84 6.31
C LEU B 25 13.60 26.12 5.63
N PRO B 26 13.50 25.95 4.28
CA PRO B 26 12.20 25.88 3.63
C PRO B 26 11.27 24.95 4.44
N ALA B 27 9.99 25.34 4.55
CA ALA B 27 9.04 24.70 5.45
C ALA B 27 8.80 23.22 5.08
N ASP B 28 9.02 22.85 3.81
CA ASP B 28 8.82 21.47 3.33
C ASP B 28 9.94 20.54 3.81
N MET B 29 11.01 21.08 4.41
CA MET B 29 12.15 20.25 4.84
C MET B 29 12.00 19.88 6.33
N THR B 30 12.13 18.57 6.62
CA THR B 30 11.96 18.06 7.97
C THR B 30 13.13 17.15 8.36
N ASP B 31 13.34 17.05 9.68
CA ASP B 31 14.28 16.14 10.29
C ASP B 31 13.97 14.70 9.87
N GLN B 32 14.98 13.95 9.42
CA GLN B 32 14.80 12.61 8.89
C GLN B 32 14.94 11.56 10.01
N SER B 33 15.30 11.95 11.23
CA SER B 33 15.79 11.01 12.25
C SER B 33 14.66 10.54 13.20
N GLY B 34 13.84 11.48 13.66
CA GLY B 34 12.89 11.18 14.73
C GLY B 34 11.52 10.82 14.21
N LYS B 35 11.43 10.27 12.99
CA LYS B 35 10.15 10.09 12.28
C LYS B 35 9.23 9.12 13.05
N LEU B 36 9.83 8.17 13.78
CA LEU B 36 9.05 7.26 14.62
C LEU B 36 9.30 7.59 16.09
N GLN B 39 13.78 8.05 18.85
CA GLN B 39 15.03 8.79 18.95
C GLN B 39 16.17 7.93 18.40
N ALA B 40 16.91 8.51 17.44
CA ALA B 40 18.00 7.88 16.72
C ALA B 40 19.27 7.88 17.58
N ASN B 41 19.86 6.68 17.74
CA ASN B 41 21.11 6.49 18.47
C ASN B 41 22.29 6.53 17.50
N ASN B 42 22.08 6.04 16.27
CA ASN B 42 23.06 6.05 15.21
C ASN B 42 22.35 6.47 13.92
N MET B 43 23.04 7.29 13.13
CA MET B 43 22.58 7.61 11.79
C MET B 43 23.78 7.65 10.84
N HIS B 44 23.59 7.05 9.66
CA HIS B 44 24.61 7.00 8.62
C HIS B 44 23.94 7.43 7.31
N VAL B 45 24.64 8.27 6.55
CA VAL B 45 24.14 8.75 5.28
C VAL B 45 25.17 8.46 4.19
N TYR B 46 24.71 7.79 3.13
CA TYR B 46 25.48 7.51 1.95
C TYR B 46 24.80 8.21 0.77
N SER B 47 25.60 8.81 -0.12
CA SER B 47 24.98 9.42 -1.28
C SER B 47 25.96 9.47 -2.46
N ASP B 48 25.39 9.62 -3.65
CA ASP B 48 26.16 9.89 -4.86
C ASP B 48 26.66 11.32 -4.77
N PRO B 49 27.58 11.77 -5.66
CA PRO B 49 28.12 13.12 -5.58
C PRO B 49 27.09 14.27 -5.59
N THR B 50 25.92 14.04 -6.21
CA THR B 50 24.90 15.06 -6.38
C THR B 50 23.93 15.07 -5.20
N GLY B 51 23.98 14.05 -4.34
CA GLY B 51 23.02 13.83 -3.25
C GLY B 51 21.64 13.40 -3.72
N GLN B 52 21.47 13.15 -5.03
CA GLN B 52 20.15 12.79 -5.56
C GLN B 52 19.81 11.31 -5.28
N LYS B 53 20.84 10.47 -5.12
CA LYS B 53 20.71 9.08 -4.71
C LYS B 53 21.27 8.98 -3.28
N ALA B 54 20.43 8.53 -2.35
CA ALA B 54 20.83 8.49 -0.95
C ALA B 54 20.26 7.26 -0.26
N VAL B 55 21.06 6.76 0.69
CA VAL B 55 20.67 5.78 1.64
C VAL B 55 20.93 6.34 3.03
N ILE B 56 19.88 6.38 3.87
CA ILE B 56 20.01 6.80 5.25
C ILE B 56 19.72 5.58 6.12
N VAL B 57 20.66 5.25 7.01
CA VAL B 57 20.50 4.14 7.92
C VAL B 57 20.40 4.70 9.33
N ILE B 58 19.30 4.41 10.02
CA ILE B 58 19.06 4.83 11.39
C ILE B 58 18.88 3.58 12.27
N VAL B 59 19.59 3.58 13.40
CA VAL B 59 19.43 2.62 14.45
C VAL B 59 18.93 3.37 15.69
N GLY B 60 17.75 2.99 16.17
CA GLY B 60 17.14 3.63 17.33
C GLY B 60 16.62 2.61 18.33
N ASP B 61 15.97 3.15 19.37
CA ASP B 61 15.40 2.39 20.46
C ASP B 61 14.38 1.38 19.93
N ASN B 62 14.22 0.28 20.67
CA ASN B 62 13.27 -0.75 20.36
C ASN B 62 11.85 -0.16 20.48
N THR B 63 10.90 -0.81 19.80
CA THR B 63 9.49 -0.53 20.01
C THR B 63 8.75 -1.87 20.07
N ASP B 64 7.66 -1.86 20.81
CA ASP B 64 6.79 -3.02 20.96
C ASP B 64 5.90 -3.14 19.71
N GLU B 65 5.68 -2.01 19.04
CA GLU B 65 4.89 -1.93 17.81
C GLU B 65 5.47 -2.88 16.75
N ALA B 66 4.60 -3.68 16.14
CA ALA B 66 4.96 -4.56 15.02
C ALA B 66 5.42 -3.73 13.80
N LEU B 67 6.24 -4.34 12.96
CA LEU B 67 6.88 -3.66 11.84
C LEU B 67 5.82 -3.13 10.86
N PRO B 68 4.76 -3.88 10.51
CA PRO B 68 3.72 -3.36 9.62
C PRO B 68 3.00 -2.14 10.18
N VAL B 69 2.93 -2.03 11.51
CA VAL B 69 2.28 -0.90 12.19
C VAL B 69 3.18 0.33 12.05
N LEU B 70 4.49 0.16 12.29
CA LEU B 70 5.46 1.23 12.09
C LEU B 70 5.42 1.70 10.63
N ALA B 71 5.42 0.75 9.69
CA ALA B 71 5.38 1.07 8.26
C ALA B 71 4.11 1.88 7.95
N ASN B 72 2.97 1.45 8.51
CA ASN B 72 1.71 2.14 8.32
C ASN B 72 1.79 3.59 8.82
N ARG B 73 2.46 3.83 9.96
CA ARG B 73 2.69 5.19 10.48
C ARG B 73 3.53 6.02 9.47
N LEU B 74 4.57 5.41 8.89
CA LEU B 74 5.42 6.15 7.92
C LEU B 74 4.59 6.48 6.68
N LEU B 75 3.74 5.54 6.29
CA LEU B 75 2.87 5.71 5.13
C LEU B 75 1.94 6.91 5.35
N GLU B 76 1.33 7.00 6.55
CA GLU B 76 0.44 8.12 6.87
C GLU B 76 1.21 9.46 6.83
N GLN B 77 2.44 9.47 7.39
CA GLN B 77 3.26 10.67 7.37
C GLN B 77 3.53 11.09 5.92
N GLN B 78 3.88 10.13 5.06
CA GLN B 78 4.11 10.39 3.63
C GLN B 78 2.86 10.98 2.97
N ARG B 79 1.68 10.43 3.27
CA ARG B 79 0.43 10.87 2.66
C ARG B 79 0.05 12.29 3.11
N SER B 80 0.42 12.68 4.33
CA SER B 80 0.12 14.01 4.85
C SER B 80 0.90 15.08 4.06
N ARG B 81 2.10 14.71 3.57
CA ARG B 81 2.97 15.63 2.80
C ARG B 81 2.62 15.55 1.31
N ASP B 82 2.11 14.40 0.84
CA ASP B 82 1.83 14.18 -0.59
C ASP B 82 0.44 13.55 -0.75
N PRO B 83 -0.62 14.35 -1.00
CA PRO B 83 -1.98 13.83 -1.17
C PRO B 83 -2.21 12.91 -2.38
N GLN B 84 -1.20 12.81 -3.25
CA GLN B 84 -1.25 11.92 -4.40
C GLN B 84 -0.19 10.82 -4.28
N LEU B 85 0.26 10.54 -3.06
CA LEU B 85 1.25 9.49 -2.82
C LEU B 85 0.84 8.20 -3.52
N GLN B 86 1.80 7.59 -4.23
CA GLN B 86 1.58 6.28 -4.83
C GLN B 86 2.32 5.24 -3.99
N VAL B 87 1.58 4.31 -3.41
CA VAL B 87 2.18 3.19 -2.71
C VAL B 87 2.41 2.08 -3.73
N VAL B 88 3.67 1.66 -3.87
CA VAL B 88 4.07 0.61 -4.80
C VAL B 88 4.01 -0.73 -4.03
N THR B 89 4.58 -0.77 -2.82
CA THR B 89 4.53 -2.00 -2.00
C THR B 89 4.62 -1.61 -0.52
N ASN B 90 3.97 -2.40 0.35
CA ASN B 90 4.13 -2.23 1.78
C ASN B 90 3.92 -3.60 2.41
N LYS B 91 5.00 -4.38 2.54
CA LYS B 91 4.81 -5.76 2.84
C LYS B 91 5.96 -6.33 3.65
N SER B 92 5.65 -7.45 4.30
CA SER B 92 6.60 -8.21 5.05
C SER B 92 7.46 -9.00 4.06
N ILE B 93 8.76 -9.13 4.33
CA ILE B 93 9.64 -9.88 3.46
C ILE B 93 10.56 -10.72 4.36
N GLU B 94 11.08 -11.80 3.77
CA GLU B 94 12.12 -12.61 4.36
C GLU B 94 13.44 -12.30 3.64
N LEU B 95 14.41 -11.83 4.41
CA LEU B 95 15.77 -11.73 3.96
C LEU B 95 16.64 -12.61 4.87
N LYS B 96 16.91 -13.81 4.35
CA LYS B 96 17.88 -14.71 4.91
C LYS B 96 17.62 -14.87 6.40
N GLY B 97 16.42 -15.37 6.73
CA GLY B 97 16.06 -15.74 8.10
C GLY B 97 15.32 -14.62 8.83
N HIS B 98 15.58 -13.37 8.45
CA HIS B 98 15.05 -12.19 9.16
C HIS B 98 13.76 -11.66 8.50
N THR B 99 12.79 -11.36 9.36
CA THR B 99 11.56 -10.68 9.00
C THR B 99 11.84 -9.17 8.89
N LEU B 100 11.52 -8.61 7.73
CA LEU B 100 11.68 -7.19 7.47
C LEU B 100 10.33 -6.68 6.96
N GLN B 101 10.13 -5.37 7.03
CA GLN B 101 9.01 -4.73 6.38
C GLN B 101 9.60 -3.78 5.32
N GLN B 102 8.99 -3.80 4.12
CA GLN B 102 9.45 -2.94 3.04
C GLN B 102 8.31 -2.09 2.52
N LEU B 103 8.51 -0.77 2.54
CA LEU B 103 7.52 0.19 2.07
C LEU B 103 8.14 1.02 0.94
N ASP B 104 7.63 0.81 -0.27
CA ASP B 104 8.08 1.52 -1.45
C ASP B 104 6.94 2.44 -1.91
N SER B 105 7.30 3.64 -2.34
CA SER B 105 6.31 4.65 -2.69
C SER B 105 6.95 5.63 -3.67
N ILE B 106 6.09 6.25 -4.50
CA ILE B 106 6.49 7.39 -5.33
C ILE B 106 5.95 8.66 -4.67
N ILE B 107 6.88 9.52 -4.26
CA ILE B 107 6.58 10.70 -3.48
C ILE B 107 6.86 11.90 -4.38
N SER B 108 5.91 12.84 -4.42
CA SER B 108 5.99 14.02 -5.24
C SER B 108 5.83 15.26 -4.36
N ALA B 109 6.61 16.30 -4.65
CA ALA B 109 6.44 17.61 -4.05
C ALA B 109 7.07 18.65 -4.99
N LYS B 110 6.26 19.63 -5.41
CA LYS B 110 6.75 20.87 -6.04
C LYS B 110 7.59 20.57 -7.29
N GLY B 111 7.18 19.61 -8.12
CA GLY B 111 7.90 19.29 -9.35
C GLY B 111 9.21 18.52 -9.12
N GLN B 112 9.41 18.00 -7.90
CA GLN B 112 10.37 16.93 -7.61
C GLN B 112 9.55 15.63 -7.43
N THR B 113 10.08 14.50 -7.90
CA THR B 113 9.45 13.18 -7.73
C THR B 113 10.56 12.17 -7.49
N ALA B 114 10.36 11.33 -6.47
CA ALA B 114 11.37 10.37 -6.05
C ALA B 114 10.74 9.00 -5.81
N TYR B 115 11.55 7.97 -6.01
CA TYR B 115 11.23 6.61 -5.57
C TYR B 115 11.83 6.45 -4.17
N SER B 116 10.99 6.10 -3.21
CA SER B 116 11.37 5.87 -1.83
C SER B 116 11.20 4.37 -1.54
N SER B 117 12.27 3.75 -1.03
CA SER B 117 12.19 2.38 -0.52
C SER B 117 12.69 2.37 0.92
N ILE B 118 11.82 1.97 1.86
CA ILE B 118 12.15 1.95 3.27
C ILE B 118 12.06 0.51 3.76
N VAL B 119 13.11 0.07 4.43
CA VAL B 119 13.13 -1.26 5.03
C VAL B 119 13.24 -1.08 6.54
N LEU B 120 12.36 -1.75 7.27
CA LEU B 120 12.36 -1.74 8.72
C LEU B 120 12.68 -3.13 9.25
N GLY B 121 13.38 -3.18 10.37
CA GLY B 121 13.75 -4.42 10.97
C GLY B 121 14.11 -4.25 12.42
N LYS B 122 14.21 -5.38 13.09
CA LYS B 122 14.61 -5.47 14.44
C LYS B 122 15.95 -6.20 14.44
N VAL B 123 17.00 -5.50 14.84
CA VAL B 123 18.35 -6.04 14.93
C VAL B 123 18.90 -5.77 16.33
N ASP B 124 19.30 -6.83 17.03
CA ASP B 124 19.97 -6.73 18.35
C ASP B 124 19.12 -5.86 19.29
N ASN B 125 17.81 -6.17 19.31
CA ASN B 125 16.82 -5.48 20.12
C ASN B 125 16.87 -3.97 19.88
N GLN B 126 16.91 -3.57 18.60
CA GLN B 126 16.87 -2.17 18.19
C GLN B 126 16.07 -2.07 16.89
N LEU B 127 15.47 -0.89 16.67
CA LEU B 127 14.76 -0.62 15.41
C LEU B 127 15.75 -0.13 14.36
N LEU B 128 15.86 -0.90 13.27
CA LEU B 128 16.65 -0.56 12.12
C LEU B 128 15.72 0.01 11.04
N THR B 129 16.12 1.17 10.50
CA THR B 129 15.44 1.85 9.43
C THR B 129 16.46 2.12 8.33
N ILE B 130 16.17 1.68 7.10
CA ILE B 130 16.98 2.02 5.93
C ILE B 130 16.06 2.68 4.91
N GLN B 131 16.39 3.92 4.55
CA GLN B 131 15.61 4.66 3.60
C GLN B 131 16.46 4.95 2.37
N VAL B 132 15.99 4.45 1.23
CA VAL B 132 16.62 4.63 -0.06
C VAL B 132 15.78 5.64 -0.86
N THR B 133 16.39 6.72 -1.32
CA THR B 133 15.67 7.67 -2.16
C THR B 133 16.43 7.90 -3.45
N LEU B 134 15.71 7.78 -4.57
CA LEU B 134 16.29 7.84 -5.91
C LEU B 134 15.39 8.71 -6.79
N PRO B 135 15.94 9.41 -7.80
CA PRO B 135 15.11 10.06 -8.81
C PRO B 135 14.22 9.02 -9.50
N ALA B 136 12.98 9.41 -9.80
CA ALA B 136 11.95 8.48 -10.28
C ALA B 136 11.64 8.69 -11.77
N ASP B 137 12.54 9.41 -12.47
CA ASP B 137 12.37 9.75 -13.89
C ASP B 137 12.14 8.46 -14.69
N ASN B 138 12.95 7.44 -14.39
CA ASN B 138 12.71 6.07 -14.82
C ASN B 138 12.27 5.27 -13.60
N GLN B 139 10.96 5.08 -13.46
CA GLN B 139 10.37 4.42 -12.29
C GLN B 139 10.91 2.99 -12.17
N GLN B 140 11.00 2.28 -13.31
CA GLN B 140 11.44 0.89 -13.35
C GLN B 140 12.91 0.77 -12.95
N LYS B 141 13.76 1.69 -13.42
CA LYS B 141 15.18 1.65 -13.08
C LYS B 141 15.38 1.97 -11.58
N ALA B 142 14.61 2.91 -11.05
CA ALA B 142 14.71 3.28 -9.64
C ALA B 142 14.31 2.08 -8.77
N GLN B 143 13.19 1.43 -9.12
CA GLN B 143 12.72 0.25 -8.40
C GLN B 143 13.80 -0.83 -8.41
N THR B 144 14.39 -1.10 -9.58
CA THR B 144 15.41 -2.15 -9.72
C THR B 144 16.62 -1.83 -8.83
N THR B 145 17.08 -0.57 -8.85
CA THR B 145 18.25 -0.15 -8.09
C THR B 145 18.00 -0.38 -6.60
N ALA B 146 16.83 0.07 -6.12
CA ALA B 146 16.46 -0.08 -4.71
C ALA B 146 16.41 -1.58 -4.31
N GLU B 147 15.73 -2.40 -5.13
CA GLU B 147 15.63 -3.87 -4.92
C GLU B 147 17.03 -4.48 -4.79
N ASN B 148 17.92 -4.06 -5.69
CA ASN B 148 19.27 -4.61 -5.75
C ASN B 148 20.00 -4.27 -4.45
N ILE B 149 19.83 -3.04 -3.95
CA ILE B 149 20.45 -2.65 -2.68
C ILE B 149 19.90 -3.55 -1.56
N ILE B 150 18.57 -3.66 -1.49
CA ILE B 150 17.91 -4.39 -0.41
C ILE B 150 18.31 -5.88 -0.44
N ASN B 151 18.50 -6.44 -1.63
CA ASN B 151 18.91 -7.85 -1.78
C ASN B 151 20.24 -8.13 -1.07
N THR B 152 21.09 -7.11 -0.89
CA THR B 152 22.44 -7.31 -0.34
C THR B 152 22.43 -7.35 1.20
N LEU B 153 21.31 -6.95 1.81
CA LEU B 153 21.26 -6.75 3.25
C LEU B 153 21.44 -8.08 3.98
N VAL B 154 22.34 -8.09 4.96
CA VAL B 154 22.64 -9.28 5.70
C VAL B 154 22.66 -8.91 7.19
N ILE B 155 21.73 -9.50 7.93
CA ILE B 155 21.65 -9.36 9.37
C ILE B 155 22.00 -10.72 10.01
#